data_1VP7
#
_entry.id   1VP7
#
_cell.length_a   107.030
_cell.length_b   107.030
_cell.length_c   207.260
_cell.angle_alpha   90.00
_cell.angle_beta   90.00
_cell.angle_gamma   120.00
#
_symmetry.space_group_name_H-M   'P 6 2 2'
#
loop_
_entity.id
_entity.type
_entity.pdbx_description
1 polymer 'exodeoxyribonuclease VII small subunit'
2 water water
#
_entity_poly.entity_id   1
_entity_poly.type   'polypeptide(L)'
_entity_poly.pdbx_seq_one_letter_code
;(MSE)GSDKIHHHHHH(MSE)ASSKQADPQTDARPLPQDFETALAELESLVSA(MSE)ENGTLPLEQSLSAYRRGVELAR
VCQDRLAQAEQQVKVLEGDLLRPLDPAALDDE
;
_entity_poly.pdbx_strand_id   A,B,C,D,E,F
#
# COMPACT_ATOMS: atom_id res chain seq x y z
N ALA A 25 23.85 -3.40 15.69
CA ALA A 25 22.38 -3.65 15.67
C ALA A 25 21.99 -4.12 14.27
N ARG A 26 20.87 -4.83 14.16
CA ARG A 26 20.55 -5.55 12.97
C ARG A 26 20.10 -4.52 11.92
N PRO A 27 20.55 -4.67 10.67
CA PRO A 27 20.10 -3.80 9.56
C PRO A 27 18.59 -3.85 9.48
N LEU A 28 17.98 -2.80 8.94
CA LEU A 28 16.52 -2.70 8.97
C LEU A 28 16.04 -2.94 7.54
N PRO A 29 15.12 -3.90 7.34
CA PRO A 29 14.64 -4.17 5.98
C PRO A 29 13.98 -2.94 5.41
N GLN A 30 14.06 -2.79 4.08
CA GLN A 30 13.52 -1.62 3.41
C GLN A 30 12.40 -1.93 2.39
N ASP A 31 12.09 -3.21 2.20
CA ASP A 31 10.99 -3.63 1.33
C ASP A 31 9.76 -3.95 2.20
N PHE A 32 8.57 -3.68 1.66
CA PHE A 32 7.33 -3.85 2.35
C PHE A 32 7.16 -5.26 2.96
N GLU A 33 7.33 -6.29 2.13
CA GLU A 33 7.05 -7.67 2.57
C GLU A 33 7.92 -8.17 3.73
N THR A 34 9.22 -7.94 3.67
CA THR A 34 10.09 -8.30 4.83
C THR A 34 9.80 -7.47 6.08
N ALA A 35 9.59 -6.15 5.90
CA ALA A 35 9.33 -5.26 7.04
C ALA A 35 8.03 -5.69 7.72
N LEU A 36 6.99 -5.94 6.89
CA LEU A 36 5.69 -6.42 7.41
C LEU A 36 5.83 -7.73 8.17
N ALA A 37 6.47 -8.71 7.55
CA ALA A 37 6.73 -10.00 8.21
C ALA A 37 7.50 -9.88 9.54
N GLU A 38 8.54 -9.04 9.62
CA GLU A 38 9.16 -8.81 10.93
C GLU A 38 8.25 -8.11 11.92
N LEU A 39 7.48 -7.13 11.44
CA LEU A 39 6.54 -6.45 12.32
C LEU A 39 5.54 -7.47 12.93
N GLU A 40 4.91 -8.31 12.11
CA GLU A 40 4.00 -9.37 12.61
C GLU A 40 4.64 -10.24 13.67
N SER A 41 5.85 -10.66 13.37
CA SER A 41 6.63 -11.47 14.28
C SER A 41 7.03 -10.75 15.58
N LEU A 42 7.30 -9.45 15.51
CA LEU A 42 7.63 -8.66 16.71
C LEU A 42 6.38 -8.52 17.60
N VAL A 43 5.24 -8.36 16.94
CA VAL A 43 3.95 -8.21 17.66
C VAL A 43 3.64 -9.49 18.48
N SER A 44 3.69 -10.66 17.85
CA SER A 44 3.46 -11.92 18.56
C SER A 44 4.37 -12.08 19.75
N ALA A 45 5.65 -11.78 19.56
CA ALA A 45 6.66 -11.91 20.65
C ALA A 45 6.27 -10.97 21.76
N GLU A 47 3.27 -10.03 22.53
CA GLU A 47 2.02 -10.44 23.15
C GLU A 47 2.14 -11.80 23.84
N ASN A 48 3.22 -12.55 23.62
CA ASN A 48 3.31 -13.86 24.28
C ASN A 48 3.77 -13.75 25.72
N GLY A 49 4.09 -12.52 26.14
CA GLY A 49 4.37 -12.23 27.53
C GLY A 49 5.70 -12.75 28.05
N THR A 50 6.69 -12.90 27.17
CA THR A 50 7.95 -13.49 27.57
C THR A 50 9.14 -12.57 27.36
N LEU A 51 8.98 -11.47 26.63
CA LEU A 51 10.09 -10.52 26.45
C LEU A 51 10.27 -9.71 27.74
N PRO A 52 11.51 -9.71 28.31
CA PRO A 52 11.85 -8.85 29.47
C PRO A 52 11.56 -7.41 29.10
N LEU A 53 11.47 -6.57 30.11
CA LEU A 53 11.26 -5.15 29.95
C LEU A 53 12.13 -4.54 28.81
N GLU A 54 13.42 -4.76 28.90
CA GLU A 54 14.38 -4.14 28.00
C GLU A 54 14.21 -4.58 26.53
N GLN A 55 13.97 -5.88 26.30
CA GLN A 55 13.68 -6.43 24.98
C GLN A 55 12.33 -5.88 24.46
N SER A 56 11.38 -5.68 25.37
CA SER A 56 10.11 -5.09 24.97
C SER A 56 10.26 -3.67 24.44
N LEU A 57 11.13 -2.87 25.07
CA LEU A 57 11.42 -1.51 24.59
C LEU A 57 12.14 -1.55 23.24
N SER A 58 13.11 -2.48 23.09
CA SER A 58 13.75 -2.71 21.78
C SER A 58 12.77 -3.12 20.72
N ALA A 59 11.85 -4.03 21.09
CA ALA A 59 10.90 -4.52 20.12
C ALA A 59 10.00 -3.38 19.68
N TYR A 60 9.69 -2.48 20.61
CA TYR A 60 8.85 -1.35 20.33
C TYR A 60 9.55 -0.39 19.36
N ARG A 61 10.77 0.04 19.69
CA ARG A 61 11.59 0.88 18.82
C ARG A 61 11.72 0.27 17.41
N ARG A 62 12.07 -1.01 17.35
CA ARG A 62 12.19 -1.76 16.12
C ARG A 62 10.89 -1.72 15.33
N GLY A 63 9.76 -1.97 16.01
CA GLY A 63 8.47 -2.04 15.30
C GLY A 63 8.00 -0.69 14.80
N VAL A 64 8.32 0.38 15.51
CA VAL A 64 8.02 1.70 15.00
C VAL A 64 8.79 1.91 13.69
N GLU A 65 10.05 1.49 13.63
CA GLU A 65 10.83 1.70 12.43
C GLU A 65 10.28 0.91 11.27
N LEU A 66 9.90 -0.33 11.52
CA LEU A 66 9.30 -1.24 10.54
C LEU A 66 7.96 -0.76 9.99
N ALA A 67 7.07 -0.32 10.88
CA ALA A 67 5.79 0.23 10.45
C ALA A 67 6.01 1.48 9.59
N ARG A 68 7.02 2.27 9.91
CA ARG A 68 7.35 3.45 9.11
C ARG A 68 7.78 3.04 7.70
N VAL A 69 8.60 2.00 7.62
CA VAL A 69 8.96 1.46 6.31
C VAL A 69 7.71 0.98 5.55
N CYS A 70 6.82 0.24 6.20
CA CYS A 70 5.65 -0.26 5.53
C CYS A 70 4.81 0.90 4.99
N GLN A 71 4.66 1.97 5.77
CA GLN A 71 3.80 3.07 5.36
C GLN A 71 4.41 3.87 4.23
N ASP A 72 5.73 3.94 4.20
CA ASP A 72 6.42 4.69 3.19
C ASP A 72 6.22 3.92 1.89
N ARG A 73 6.44 2.62 1.93
CA ARG A 73 6.25 1.82 0.72
C ARG A 73 4.84 1.86 0.22
N LEU A 74 3.85 1.83 1.13
CA LEU A 74 2.46 1.93 0.69
C LEU A 74 2.12 3.31 0.07
N ALA A 75 2.67 4.39 0.62
CA ALA A 75 2.46 5.74 0.09
C ALA A 75 2.99 5.81 -1.33
N GLN A 76 4.21 5.29 -1.55
CA GLN A 76 4.80 5.19 -2.88
C GLN A 76 3.89 4.48 -3.88
N ALA A 77 3.36 3.33 -3.44
CA ALA A 77 2.48 2.51 -4.26
C ALA A 77 1.16 3.20 -4.56
N GLU A 78 0.65 3.97 -3.61
CA GLU A 78 -0.60 4.69 -3.77
C GLU A 78 -0.40 5.73 -4.85
N GLN A 79 0.69 6.48 -4.70
CA GLN A 79 1.07 7.50 -5.66
C GLN A 79 1.25 6.96 -7.08
N GLN A 80 1.85 5.79 -7.20
CA GLN A 80 2.11 5.18 -8.49
C GLN A 80 0.80 4.81 -9.21
N VAL A 81 -0.19 4.33 -8.46
CA VAL A 81 -1.52 4.01 -8.97
C VAL A 81 -2.27 5.27 -9.44
N LYS A 82 -2.30 6.32 -8.59
CA LYS A 82 -2.83 7.66 -8.93
C LYS A 82 -2.25 8.19 -10.25
N VAL A 83 -0.94 8.19 -10.36
CA VAL A 83 -0.30 8.58 -11.60
C VAL A 83 -0.82 7.70 -12.74
N LEU A 84 -0.96 6.39 -12.54
CA LEU A 84 -1.48 5.55 -13.63
C LEU A 84 -2.92 5.88 -13.97
N GLU A 85 -3.74 6.15 -12.96
CA GLU A 85 -5.10 6.56 -13.19
C GLU A 85 -5.20 7.84 -14.00
N GLY A 86 -4.38 8.82 -13.65
CA GLY A 86 -4.31 10.07 -14.40
C GLY A 86 -3.91 9.81 -15.84
N ASP A 87 -2.92 8.95 -16.04
CA ASP A 87 -2.44 8.66 -17.37
C ASP A 87 -3.51 7.95 -18.21
N LEU A 88 -4.30 7.11 -17.55
CA LEU A 88 -5.35 6.39 -18.23
C LEU A 88 -6.40 7.34 -18.79
N LEU A 89 -6.74 8.36 -18.00
CA LEU A 89 -7.83 9.29 -18.27
C LEU A 89 -7.44 10.43 -19.21
N ARG A 90 -6.20 10.88 -19.09
CA ARG A 90 -5.64 11.96 -19.90
C ARG A 90 -6.00 11.91 -21.40
N PRO A 91 -5.84 10.75 -22.07
CA PRO A 91 -6.28 10.70 -23.46
C PRO A 91 -7.80 10.86 -23.72
N LEU A 92 -8.63 10.82 -22.68
CA LEU A 92 -10.09 10.88 -22.87
C LEU A 92 -10.81 12.25 -22.85
N GLN B 22 -17.35 -3.55 -26.41
CA GLN B 22 -17.96 -2.93 -25.19
C GLN B 22 -17.18 -3.25 -23.86
N THR B 23 -17.72 -4.12 -22.99
CA THR B 23 -17.02 -4.46 -21.73
C THR B 23 -16.07 -5.68 -21.85
N ASP B 24 -14.90 -5.57 -21.21
CA ASP B 24 -13.88 -6.62 -21.24
C ASP B 24 -14.29 -7.71 -20.23
N ALA B 25 -14.53 -8.91 -20.75
CA ALA B 25 -15.19 -9.97 -19.99
C ALA B 25 -14.22 -10.96 -19.35
N ARG B 26 -12.94 -10.79 -19.60
CA ARG B 26 -11.96 -11.63 -18.95
C ARG B 26 -12.01 -11.42 -17.44
N PRO B 27 -11.72 -12.50 -16.67
CA PRO B 27 -11.73 -12.40 -15.23
C PRO B 27 -10.75 -11.29 -14.79
N LEU B 28 -11.12 -10.62 -13.69
CA LEU B 28 -10.40 -9.49 -13.16
C LEU B 28 -9.42 -9.94 -12.07
N PRO B 29 -8.13 -9.58 -12.20
CA PRO B 29 -7.19 -9.98 -11.14
C PRO B 29 -7.69 -9.40 -9.82
N GLN B 30 -7.43 -10.10 -8.73
CA GLN B 30 -7.83 -9.61 -7.43
C GLN B 30 -6.63 -9.34 -6.52
N ASP B 31 -5.41 -9.52 -7.02
CA ASP B 31 -4.16 -9.28 -6.26
C ASP B 31 -3.51 -7.98 -6.77
N PHE B 32 -2.95 -7.20 -5.86
CA PHE B 32 -2.26 -5.97 -6.23
C PHE B 32 -1.28 -6.10 -7.42
N GLU B 33 -0.36 -7.06 -7.38
CA GLU B 33 0.71 -7.08 -8.39
C GLU B 33 0.18 -7.26 -9.80
N THR B 34 -0.70 -8.25 -9.97
CA THR B 34 -1.22 -8.54 -11.29
C THR B 34 -2.13 -7.43 -11.77
N ALA B 35 -2.88 -6.83 -10.85
CA ALA B 35 -3.78 -5.73 -11.27
C ALA B 35 -2.95 -4.51 -11.70
N LEU B 36 -1.88 -4.25 -10.96
CA LEU B 36 -1.02 -3.14 -11.28
C LEU B 36 -0.36 -3.37 -12.66
N ALA B 37 0.19 -4.57 -12.86
CA ALA B 37 0.80 -4.95 -14.12
C ALA B 37 -0.17 -4.85 -15.28
N GLU B 38 -1.42 -5.25 -15.09
CA GLU B 38 -2.40 -5.15 -16.18
C GLU B 38 -2.76 -3.69 -16.43
N LEU B 39 -2.89 -2.94 -15.35
CA LEU B 39 -3.13 -1.50 -15.42
C LEU B 39 -2.04 -0.79 -16.24
N GLU B 40 -0.77 -1.05 -15.94
CA GLU B 40 0.31 -0.47 -16.76
C GLU B 40 0.20 -0.79 -18.22
N SER B 41 -0.22 -2.01 -18.58
CA SER B 41 -0.39 -2.36 -19.99
C SER B 41 -1.56 -1.64 -20.68
N LEU B 42 -2.63 -1.35 -19.95
CA LEU B 42 -3.71 -0.54 -20.49
C LEU B 42 -3.27 0.89 -20.71
N VAL B 43 -2.45 1.41 -19.79
CA VAL B 43 -2.00 2.77 -19.96
C VAL B 43 -1.10 2.87 -21.18
N SER B 44 -0.19 1.94 -21.31
CA SER B 44 0.57 1.80 -22.54
C SER B 44 -0.32 1.74 -23.80
N ALA B 45 -1.44 1.02 -23.74
CA ALA B 45 -2.27 0.87 -24.94
C ALA B 45 -3.02 2.16 -25.27
N GLU B 47 -2.06 5.33 -24.39
CA GLU B 47 -1.16 6.38 -24.82
C GLU B 47 -0.33 5.94 -26.02
N ASN B 48 -0.90 5.02 -26.81
CA ASN B 48 -0.38 4.77 -28.15
C ASN B 48 -1.29 5.33 -29.25
N GLY B 49 -2.49 5.76 -28.87
CA GLY B 49 -3.39 6.49 -29.76
C GLY B 49 -4.02 5.69 -30.89
N THR B 50 -3.46 4.51 -31.16
CA THR B 50 -4.00 3.60 -32.20
C THR B 50 -5.38 3.01 -31.86
N LEU B 51 -5.87 3.30 -30.66
CA LEU B 51 -7.12 2.74 -30.19
C LEU B 51 -8.36 3.50 -30.70
N PRO B 52 -9.20 2.81 -31.49
CA PRO B 52 -10.50 3.38 -31.79
C PRO B 52 -11.29 3.69 -30.51
N LEU B 53 -12.24 4.61 -30.61
CA LEU B 53 -13.01 5.07 -29.46
C LEU B 53 -13.61 3.97 -28.57
N GLU B 54 -14.38 3.07 -29.17
CA GLU B 54 -14.99 1.96 -28.44
C GLU B 54 -13.97 1.12 -27.63
N GLN B 55 -12.81 0.85 -28.21
CA GLN B 55 -11.80 0.12 -27.46
C GLN B 55 -11.16 0.97 -26.37
N SER B 56 -10.97 2.28 -26.61
CA SER B 56 -10.47 3.17 -25.57
C SER B 56 -11.39 3.14 -24.36
N LEU B 57 -12.70 3.20 -24.60
CA LEU B 57 -13.65 3.28 -23.50
C LEU B 57 -13.70 1.96 -22.72
N SER B 58 -13.61 0.86 -23.43
CA SER B 58 -13.45 -0.46 -22.82
C SER B 58 -12.16 -0.58 -21.97
N ALA B 59 -11.04 -0.12 -22.53
CA ALA B 59 -9.77 -0.05 -21.82
C ALA B 59 -9.88 0.87 -20.61
N TYR B 60 -10.62 1.96 -20.73
CA TYR B 60 -10.76 2.86 -19.61
C TYR B 60 -11.51 2.21 -18.41
N ARG B 61 -12.61 1.53 -18.70
CA ARG B 61 -13.45 0.90 -17.68
C ARG B 61 -12.73 -0.24 -17.00
N ARG B 62 -12.04 -1.08 -17.77
CA ARG B 62 -11.15 -2.11 -17.21
C ARG B 62 -10.15 -1.43 -16.29
N GLY B 63 -9.58 -0.33 -16.80
CA GLY B 63 -8.57 0.45 -16.10
C GLY B 63 -9.01 0.87 -14.74
N VAL B 64 -10.21 1.45 -14.66
CA VAL B 64 -10.82 1.91 -13.41
C VAL B 64 -11.10 0.76 -12.43
N GLU B 65 -11.56 -0.38 -12.96
CA GLU B 65 -11.74 -1.60 -12.15
C GLU B 65 -10.41 -2.09 -11.58
N LEU B 66 -9.34 -1.98 -12.38
CA LEU B 66 -8.00 -2.43 -11.98
C LEU B 66 -7.43 -1.53 -10.92
N ALA B 67 -7.58 -0.23 -11.12
CA ALA B 67 -7.08 0.72 -10.17
C ALA B 67 -7.81 0.59 -8.83
N ARG B 68 -9.10 0.28 -8.90
CA ARG B 68 -9.91 0.04 -7.73
C ARG B 68 -9.44 -1.19 -6.94
N VAL B 69 -9.10 -2.31 -7.61
CA VAL B 69 -8.48 -3.42 -6.91
C VAL B 69 -7.19 -2.94 -6.23
N CYS B 70 -6.32 -2.26 -6.96
CA CYS B 70 -5.08 -1.80 -6.35
C CYS B 70 -5.35 -0.95 -5.11
N GLN B 71 -6.22 0.06 -5.23
CA GLN B 71 -6.52 0.97 -4.13
C GLN B 71 -7.18 0.25 -2.94
N ASP B 72 -8.00 -0.76 -3.22
CA ASP B 72 -8.56 -1.56 -2.15
C ASP B 72 -7.51 -2.31 -1.37
N ARG B 73 -6.53 -2.90 -2.06
CA ARG B 73 -5.53 -3.74 -1.41
C ARG B 73 -4.59 -2.87 -0.60
N LEU B 74 -4.20 -1.72 -1.15
CA LEU B 74 -3.38 -0.76 -0.42
C LEU B 74 -4.08 -0.29 0.85
N ALA B 75 -5.33 0.16 0.74
CA ALA B 75 -6.12 0.53 1.91
C ALA B 75 -6.15 -0.56 2.97
N GLN B 76 -6.32 -1.82 2.57
CA GLN B 76 -6.31 -2.92 3.55
C GLN B 76 -4.97 -3.13 4.22
N ALA B 77 -3.89 -3.10 3.43
CA ALA B 77 -2.55 -3.23 3.92
C ALA B 77 -2.26 -2.09 4.90
N GLU B 78 -2.65 -0.88 4.56
CA GLU B 78 -2.47 0.25 5.45
C GLU B 78 -3.18 0.07 6.79
N GLN B 79 -4.38 -0.50 6.76
CA GLN B 79 -5.15 -0.73 7.96
C GLN B 79 -4.52 -1.85 8.81
N GLN B 80 -4.08 -2.90 8.14
CA GLN B 80 -3.32 -4.00 8.76
C GLN B 80 -2.04 -3.50 9.49
N VAL B 81 -1.32 -2.57 8.87
CA VAL B 81 -0.15 -1.96 9.50
C VAL B 81 -0.56 -1.11 10.70
N LYS B 82 -1.67 -0.37 10.62
CA LYS B 82 -2.11 0.50 11.72
C LYS B 82 -2.53 -0.35 12.90
N VAL B 83 -3.28 -1.43 12.65
CA VAL B 83 -3.62 -2.41 13.69
C VAL B 83 -2.34 -2.97 14.37
N LEU B 84 -1.35 -3.39 13.58
CA LEU B 84 -0.09 -3.92 14.10
C LEU B 84 0.65 -2.90 14.96
N GLU B 85 0.63 -1.63 14.56
CA GLU B 85 1.22 -0.57 15.38
C GLU B 85 0.55 -0.48 16.74
N GLY B 86 -0.79 -0.48 16.73
CA GLY B 86 -1.60 -0.45 17.92
C GLY B 86 -1.29 -1.64 18.83
N ASP B 87 -1.16 -2.82 18.24
CA ASP B 87 -0.86 -4.02 19.00
C ASP B 87 0.52 -3.99 19.67
N LEU B 88 1.43 -3.21 19.09
CA LEU B 88 2.77 -3.11 19.56
C LEU B 88 2.82 -2.25 20.82
N LEU B 89 1.90 -1.29 20.89
CA LEU B 89 1.90 -0.26 21.91
C LEU B 89 1.07 -0.68 23.11
N ARG B 90 0.06 -1.53 22.89
CA ARG B 90 -0.84 -2.02 23.92
C ARG B 90 -0.13 -2.59 25.17
N PRO B 91 0.78 -3.56 25.00
CA PRO B 91 1.45 -4.12 26.17
C PRO B 91 2.35 -3.14 26.88
N LEU B 92 2.54 -1.94 26.32
CA LEU B 92 3.40 -0.96 26.99
C LEU B 92 2.61 0.09 27.72
N ASP B 93 1.28 -0.02 27.65
CA ASP B 93 0.32 0.82 28.37
C ASP B 93 0.18 0.46 29.85
N PRO B 94 0.58 1.36 30.75
CA PRO B 94 0.16 1.09 32.14
C PRO B 94 -1.38 1.20 32.30
N ALA B 95 -1.90 0.62 33.38
CA ALA B 95 -3.32 0.72 33.74
C ALA B 95 -3.83 2.17 33.70
N ALA B 96 -5.01 2.37 33.10
CA ALA B 96 -5.61 3.71 32.99
C ALA B 96 -5.83 4.40 34.37
N LEU B 97 -5.46 5.68 34.45
CA LEU B 97 -5.79 6.54 35.59
C LEU B 97 -7.01 7.41 35.25
N ASP B 98 -7.57 8.08 36.24
CA ASP B 98 -8.75 8.95 36.01
C ASP B 98 -8.37 10.42 35.73
N PRO C 21 9.82 5.81 -10.09
CA PRO C 21 10.51 6.24 -8.85
C PRO C 21 11.08 5.05 -8.03
N GLN C 22 12.35 4.76 -8.29
CA GLN C 22 13.11 3.70 -7.65
C GLN C 22 13.26 3.96 -6.16
N THR C 23 13.12 2.91 -5.37
CA THR C 23 13.51 2.99 -3.98
C THR C 23 14.59 1.94 -3.69
N ASP C 24 15.60 2.31 -2.91
CA ASP C 24 16.65 1.35 -2.54
C ASP C 24 16.10 0.30 -1.53
N ALA C 25 16.03 -0.97 -1.95
CA ALA C 25 15.47 -2.06 -1.13
C ALA C 25 16.52 -2.84 -0.31
N ARG C 26 17.79 -2.44 -0.38
CA ARG C 26 18.80 -3.10 0.46
C ARG C 26 18.54 -2.74 1.93
N PRO C 27 18.81 -3.67 2.86
CA PRO C 27 18.65 -3.32 4.29
C PRO C 27 19.37 -2.01 4.69
N LEU C 28 18.76 -1.23 5.58
CA LEU C 28 19.34 0.02 6.02
C LEU C 28 20.22 -0.24 7.30
N PRO C 29 21.48 0.22 7.28
CA PRO C 29 22.24 0.03 8.53
C PRO C 29 21.59 0.80 9.68
N GLN C 30 21.77 0.28 10.91
CA GLN C 30 21.21 0.86 12.11
C GLN C 30 22.23 1.29 13.15
N ASP C 31 23.53 1.10 12.89
CA ASP C 31 24.59 1.63 13.77
C ASP C 31 25.21 2.87 13.12
N PHE C 32 25.63 3.82 13.95
CA PHE C 32 26.18 5.09 13.48
C PHE C 32 27.30 4.95 12.45
N GLU C 33 28.30 4.14 12.75
CA GLU C 33 29.49 4.06 11.88
C GLU C 33 29.19 3.54 10.46
N THR C 34 28.42 2.47 10.36
CA THR C 34 28.09 1.91 9.06
C THR C 34 27.19 2.86 8.27
N ALA C 35 26.26 3.53 8.95
CA ALA C 35 25.38 4.52 8.28
C ALA C 35 26.18 5.72 7.82
N LEU C 36 27.14 6.17 8.64
CA LEU C 36 27.98 7.30 8.25
C LEU C 36 28.80 6.96 6.98
N ALA C 37 29.47 5.83 7.02
CA ALA C 37 30.33 5.44 5.90
C ALA C 37 29.52 5.28 4.62
N GLU C 38 28.28 4.78 4.74
CA GLU C 38 27.48 4.52 3.55
C GLU C 38 27.00 5.86 3.01
N LEU C 39 26.68 6.76 3.93
CA LEU C 39 26.27 8.12 3.56
C LEU C 39 27.37 8.91 2.84
N GLU C 40 28.60 8.78 3.34
CA GLU C 40 29.76 9.40 2.71
C GLU C 40 29.93 8.95 1.26
N SER C 41 30.01 7.63 1.06
CA SER C 41 30.06 7.01 -0.26
C SER C 41 28.92 7.42 -1.21
N LEU C 42 27.71 7.50 -0.65
CA LEU C 42 26.56 7.83 -1.45
C LEU C 42 26.64 9.28 -1.97
N VAL C 43 26.95 10.22 -1.07
CA VAL C 43 27.03 11.64 -1.44
C VAL C 43 28.10 11.84 -2.53
N SER C 44 29.21 11.13 -2.37
CA SER C 44 30.34 11.20 -3.30
C SER C 44 29.94 10.73 -4.68
N ALA C 45 29.28 9.57 -4.74
CA ALA C 45 28.78 9.04 -6.01
C ALA C 45 27.83 10.01 -6.64
N GLU C 47 27.63 13.43 -6.17
CA GLU C 47 28.26 14.64 -6.64
C GLU C 47 29.20 14.34 -7.85
N ASN C 48 29.68 13.10 -8.00
CA ASN C 48 30.48 12.80 -9.17
C ASN C 48 29.68 12.62 -10.46
N GLY C 49 28.35 12.68 -10.42
CA GLY C 49 27.55 12.45 -11.65
C GLY C 49 27.51 10.98 -12.02
N THR C 50 27.83 10.08 -11.07
CA THR C 50 27.91 8.66 -11.39
C THR C 50 26.49 8.08 -11.49
N LEU C 51 25.54 8.61 -10.71
CA LEU C 51 24.16 8.05 -10.68
C LEU C 51 23.28 8.71 -11.74
N PRO C 52 22.54 7.92 -12.53
CA PRO C 52 21.55 8.55 -13.39
C PRO C 52 20.43 9.25 -12.58
N LEU C 53 19.58 10.03 -13.27
CA LEU C 53 18.53 10.77 -12.58
C LEU C 53 17.73 9.88 -11.58
N GLU C 54 17.16 8.77 -12.08
CA GLU C 54 16.30 7.89 -11.25
C GLU C 54 17.02 7.39 -10.04
N GLN C 55 18.25 6.93 -10.23
CA GLN C 55 19.08 6.49 -9.10
C GLN C 55 19.52 7.61 -8.19
N SER C 56 19.65 8.83 -8.73
CA SER C 56 19.99 9.99 -7.92
C SER C 56 18.84 10.34 -6.98
N LEU C 57 17.58 10.21 -7.45
CA LEU C 57 16.45 10.54 -6.59
C LEU C 57 16.30 9.45 -5.53
N SER C 58 16.63 8.22 -5.91
CA SER C 58 16.58 7.10 -4.98
C SER C 58 17.69 7.26 -3.90
N ALA C 59 18.88 7.67 -4.35
CA ALA C 59 20.00 8.02 -3.44
C ALA C 59 19.66 9.17 -2.49
N TYR C 60 18.88 10.13 -2.96
CA TYR C 60 18.45 11.19 -2.06
C TYR C 60 17.62 10.62 -0.89
N ARG C 61 16.65 9.78 -1.22
CA ARG C 61 15.81 9.16 -0.20
C ARG C 61 16.60 8.30 0.79
N ARG C 62 17.57 7.56 0.26
CA ARG C 62 18.42 6.70 1.04
C ARG C 62 19.30 7.54 1.96
N GLY C 63 19.84 8.63 1.43
CA GLY C 63 20.70 9.53 2.17
C GLY C 63 19.93 10.17 3.29
N VAL C 64 18.70 10.55 3.01
CA VAL C 64 17.85 11.06 4.09
C VAL C 64 17.69 9.98 5.21
N GLU C 65 17.44 8.72 4.85
CA GLU C 65 17.28 7.65 5.87
C GLU C 65 18.55 7.44 6.65
N LEU C 66 19.70 7.50 5.96
CA LEU C 66 20.97 7.23 6.60
C LEU C 66 21.33 8.37 7.55
N ALA C 67 21.10 9.61 7.13
CA ALA C 67 21.34 10.75 8.01
C ALA C 67 20.41 10.73 9.23
N ARG C 68 19.21 10.20 9.06
CA ARG C 68 18.27 10.04 10.15
C ARG C 68 18.77 8.97 11.17
N VAL C 69 19.34 7.87 10.71
CA VAL C 69 19.97 6.90 11.62
C VAL C 69 21.05 7.61 12.41
N CYS C 70 21.97 8.27 11.71
CA CYS C 70 23.07 8.95 12.38
C CYS C 70 22.61 9.95 13.44
N GLN C 71 21.67 10.85 13.11
CA GLN C 71 21.18 11.85 14.07
C GLN C 71 20.53 11.19 15.28
N ASP C 72 19.74 10.14 15.06
CA ASP C 72 19.11 9.42 16.15
C ASP C 72 20.15 8.85 17.10
N ARG C 73 21.15 8.16 16.54
CA ARG C 73 22.19 7.56 17.35
C ARG C 73 22.96 8.62 18.11
N LEU C 74 23.22 9.76 17.45
CA LEU C 74 23.98 10.83 18.10
C LEU C 74 23.17 11.41 19.23
N ALA C 75 21.86 11.56 19.04
CA ALA C 75 20.99 12.11 20.09
C ALA C 75 20.96 11.14 21.29
N GLN C 76 20.79 9.86 21.00
CA GLN C 76 20.75 8.88 22.07
C GLN C 76 22.08 8.89 22.84
N ALA C 77 23.20 8.98 22.12
CA ALA C 77 24.51 8.98 22.76
C ALA C 77 24.69 10.22 23.64
N GLU C 78 24.25 11.37 23.13
CA GLU C 78 24.36 12.63 23.84
C GLU C 78 23.57 12.55 25.17
N GLN C 79 22.32 12.12 25.10
CA GLN C 79 21.48 11.91 26.27
C GLN C 79 22.08 10.95 27.33
N GLN C 80 22.66 9.85 26.87
CA GLN C 80 23.34 8.89 27.71
C GLN C 80 24.51 9.54 28.48
N VAL C 81 25.33 10.32 27.78
CA VAL C 81 26.42 11.05 28.39
C VAL C 81 25.90 12.10 29.36
N LYS C 82 24.87 12.84 28.97
CA LYS C 82 24.28 13.86 29.83
C LYS C 82 23.89 13.24 31.20
N VAL C 83 23.19 12.10 31.14
CA VAL C 83 22.75 11.36 32.32
C VAL C 83 23.93 10.96 33.20
N LEU C 84 24.98 10.47 32.55
CA LEU C 84 26.19 10.06 33.24
C LEU C 84 26.98 11.20 33.86
N GLU C 85 27.04 12.38 33.22
CA GLU C 85 27.64 13.57 33.84
C GLU C 85 26.82 13.93 35.08
N GLY C 86 25.50 13.87 34.96
CA GLY C 86 24.61 14.19 36.03
C GLY C 86 24.89 13.31 37.23
N ASP C 87 25.06 12.02 36.97
CA ASP C 87 25.22 11.03 38.03
C ASP C 87 26.56 11.18 38.71
N LEU C 88 27.55 11.55 37.90
CA LEU C 88 28.91 11.67 38.34
C LEU C 88 29.00 12.80 39.35
N LEU C 89 28.46 13.97 39.02
CA LEU C 89 28.53 15.07 39.95
C LEU C 89 27.31 15.19 40.87
N ARG C 90 26.59 14.09 41.06
CA ARG C 90 25.49 14.03 42.04
C ARG C 90 26.07 14.22 43.47
N PRO C 91 26.92 13.28 43.95
CA PRO C 91 27.58 13.45 45.27
C PRO C 91 28.01 14.88 45.70
N ALA D 25 47.33 7.84 36.90
CA ALA D 25 48.48 7.48 36.03
C ALA D 25 48.01 6.69 34.80
N ARG D 26 46.79 6.17 34.82
CA ARG D 26 46.35 5.35 33.69
C ARG D 26 46.05 6.27 32.51
N PRO D 27 46.54 5.89 31.31
CA PRO D 27 46.26 6.65 30.10
C PRO D 27 44.76 6.79 29.85
N LEU D 28 44.36 7.93 29.27
CA LEU D 28 42.96 8.23 29.06
C LEU D 28 42.53 7.80 27.66
N PRO D 29 41.46 6.98 27.56
CA PRO D 29 40.84 6.64 26.29
C PRO D 29 40.56 7.87 25.46
N GLN D 30 40.79 7.79 24.14
CA GLN D 30 40.57 8.94 23.28
C GLN D 30 39.49 8.73 22.23
N ASP D 31 38.84 7.56 22.28
CA ASP D 31 37.74 7.26 21.37
C ASP D 31 36.45 7.19 22.15
N PHE D 32 35.34 7.54 21.49
CA PHE D 32 34.07 7.61 22.16
C PHE D 32 33.72 6.31 22.93
N GLU D 33 33.79 5.16 22.28
CA GLU D 33 33.30 3.90 22.92
C GLU D 33 34.06 3.50 24.17
N THR D 34 35.38 3.57 24.12
CA THR D 34 36.16 3.21 25.30
C THR D 34 35.92 4.23 26.43
N ALA D 35 35.74 5.51 26.06
CA ALA D 35 35.57 6.55 27.06
C ALA D 35 34.23 6.35 27.76
N LEU D 36 33.20 6.04 26.99
CA LEU D 36 31.86 5.85 27.52
C LEU D 36 31.79 4.64 28.45
N ALA D 37 32.34 3.51 28.02
CA ALA D 37 32.36 2.29 28.86
C ALA D 37 33.07 2.59 30.15
N GLU D 38 34.17 3.30 30.06
CA GLU D 38 34.94 3.57 31.26
C GLU D 38 34.24 4.53 32.22
N LEU D 39 33.58 5.53 31.64
CA LEU D 39 32.74 6.47 32.38
C LEU D 39 31.57 5.75 33.06
N GLU D 40 30.99 4.77 32.36
CA GLU D 40 29.94 3.93 32.95
C GLU D 40 30.43 3.13 34.16
N SER D 41 31.59 2.47 34.07
CA SER D 41 32.16 1.78 35.23
C SER D 41 32.49 2.72 36.33
N LEU D 42 33.00 3.88 35.96
CA LEU D 42 33.39 4.88 36.96
C LEU D 42 32.20 5.37 37.76
N VAL D 43 31.15 5.82 37.10
CA VAL D 43 29.92 6.26 37.77
C VAL D 43 29.32 5.10 38.60
N SER D 44 29.26 3.92 38.00
CA SER D 44 28.75 2.77 38.71
C SER D 44 29.53 2.48 40.01
N ALA D 45 30.86 2.53 39.94
CA ALA D 45 31.71 2.31 41.12
C ALA D 45 31.60 3.40 42.16
N GLU D 47 28.58 5.35 43.28
CA GLU D 47 27.28 5.79 43.78
C GLU D 47 26.79 4.83 44.86
N LEU D 51 33.20 4.58 48.66
CA LEU D 51 34.59 4.84 48.22
C LEU D 51 35.26 5.94 49.02
N PRO D 52 36.58 5.79 49.35
CA PRO D 52 37.31 6.85 50.10
C PRO D 52 37.35 8.15 49.32
N LEU D 53 37.62 9.25 50.01
CA LEU D 53 37.54 10.59 49.42
C LEU D 53 38.55 10.87 48.29
N GLU D 54 39.80 10.52 48.50
CA GLU D 54 40.85 10.80 47.51
C GLU D 54 40.68 9.92 46.26
N GLN D 55 40.09 8.75 46.44
CA GLN D 55 39.70 7.88 45.34
C GLN D 55 38.49 8.43 44.63
N SER D 56 37.54 8.94 45.43
CA SER D 56 36.32 9.55 44.91
C SER D 56 36.64 10.78 44.09
N LEU D 57 37.49 11.65 44.63
CA LEU D 57 37.92 12.83 43.89
C LEU D 57 38.74 12.46 42.66
N SER D 58 39.63 11.48 42.78
CA SER D 58 40.37 10.98 41.61
C SER D 58 39.44 10.52 40.51
N ALA D 59 38.37 9.82 40.90
CA ALA D 59 37.39 9.29 39.97
C ALA D 59 36.48 10.37 39.40
N TYR D 60 36.11 11.34 40.23
CA TYR D 60 35.38 12.47 39.69
C TYR D 60 36.21 13.17 38.59
N ARG D 61 37.49 13.48 38.87
CA ARG D 61 38.36 14.12 37.88
C ARG D 61 38.45 13.29 36.57
N ARG D 62 38.67 12.00 36.72
CA ARG D 62 38.79 11.07 35.62
C ARG D 62 37.48 11.09 34.87
N GLY D 63 36.38 11.08 35.63
CA GLY D 63 35.05 11.09 35.05
C GLY D 63 34.80 12.34 34.23
N VAL D 64 35.17 13.50 34.79
CA VAL D 64 35.09 14.75 34.02
C VAL D 64 35.87 14.64 32.68
N GLU D 65 37.12 14.15 32.71
CA GLU D 65 37.90 13.93 31.47
C GLU D 65 37.24 12.97 30.44
N LEU D 66 36.65 11.90 30.93
CA LEU D 66 35.97 10.96 30.06
C LEU D 66 34.71 11.56 29.39
N ALA D 67 33.91 12.28 30.17
CA ALA D 67 32.77 12.98 29.61
C ALA D 67 33.22 13.96 28.53
N ARG D 68 34.36 14.62 28.77
CA ARG D 68 34.91 15.61 27.85
C ARG D 68 35.28 14.94 26.52
N VAL D 69 35.90 13.76 26.62
CA VAL D 69 36.18 12.97 25.41
C VAL D 69 34.88 12.65 24.70
N CYS D 70 33.95 12.02 25.40
CA CYS D 70 32.66 11.66 24.77
C CYS D 70 32.00 12.84 24.08
N GLN D 71 31.78 13.91 24.83
CA GLN D 71 31.22 15.14 24.27
C GLN D 71 31.95 15.72 23.05
N ASP D 72 33.28 15.64 23.04
CA ASP D 72 34.09 16.15 21.91
C ASP D 72 33.92 15.26 20.69
N ARG D 73 33.98 13.95 20.87
CA ARG D 73 33.72 13.02 19.77
C ARG D 73 32.34 13.19 19.18
N LEU D 74 31.32 13.30 20.02
CA LEU D 74 29.97 13.57 19.58
C LEU D 74 29.85 14.87 18.81
N ALA D 75 30.50 15.92 19.28
CA ALA D 75 30.40 17.19 18.58
C ALA D 75 31.00 17.11 17.15
N GLN D 76 32.17 16.46 17.03
CA GLN D 76 32.81 16.18 15.75
C GLN D 76 31.90 15.34 14.84
N ALA D 77 31.28 14.28 15.39
CA ALA D 77 30.36 13.44 14.65
C ALA D 77 29.14 14.20 14.16
N GLU D 78 28.54 15.01 15.02
CA GLU D 78 27.44 15.91 14.63
C GLU D 78 27.81 16.83 13.46
N GLN D 79 29.04 17.35 13.52
CA GLN D 79 29.58 18.23 12.49
C GLN D 79 29.64 17.52 11.11
N GLN D 80 30.24 16.32 11.08
CA GLN D 80 30.33 15.50 9.89
C GLN D 80 28.98 15.18 9.26
N VAL D 81 27.97 14.91 10.10
CA VAL D 81 26.62 14.59 9.60
C VAL D 81 25.97 15.79 8.93
N LYS D 82 26.06 16.96 9.57
CA LYS D 82 25.54 18.21 9.02
C LYS D 82 26.15 18.55 7.65
N VAL D 83 27.46 18.35 7.50
CA VAL D 83 28.12 18.56 6.20
C VAL D 83 27.56 17.61 5.14
N LEU D 84 27.41 16.31 5.48
CA LEU D 84 26.85 15.35 4.57
C LEU D 84 25.41 15.67 4.24
N GLU D 85 24.62 16.12 5.21
CA GLU D 85 23.22 16.48 4.92
C GLU D 85 23.16 17.64 3.94
N GLY D 86 24.10 18.58 4.11
CA GLY D 86 24.14 19.72 3.23
C GLY D 86 24.56 19.32 1.83
N ASP D 87 25.56 18.46 1.76
CA ASP D 87 26.14 18.05 0.48
C ASP D 87 25.18 17.22 -0.29
N LEU D 88 24.38 16.44 0.44
CA LEU D 88 23.39 15.58 -0.19
C LEU D 88 22.38 16.39 -1.03
N LEU D 89 22.11 17.63 -0.62
CA LEU D 89 21.11 18.46 -1.31
C LEU D 89 21.68 19.16 -2.55
N ARG D 90 22.97 19.43 -2.50
CA ARG D 90 23.67 20.19 -3.52
C ARG D 90 23.47 19.72 -4.95
N PRO D 91 23.73 18.42 -5.23
CA PRO D 91 23.61 17.97 -6.61
C PRO D 91 22.18 17.98 -7.15
N LEU D 92 21.20 18.19 -6.27
CA LEU D 92 19.78 18.17 -6.65
C LEU D 92 19.14 19.53 -6.64
N ASP D 93 19.90 20.54 -6.27
CA ASP D 93 19.37 21.87 -6.18
C ASP D 93 19.56 22.54 -7.56
N PRO D 94 18.44 22.76 -8.30
CA PRO D 94 18.46 23.21 -9.70
C PRO D 94 18.99 24.63 -9.88
N ALA D 95 19.01 25.41 -8.79
CA ALA D 95 19.58 26.76 -8.80
C ALA D 95 21.03 26.84 -8.27
N ALA D 96 21.58 25.69 -7.87
CA ALA D 96 22.99 25.58 -7.43
C ALA D 96 23.94 25.10 -8.55
N ALA E 25 -8.80 -14.13 -3.69
CA ALA E 25 -7.51 -13.89 -4.47
C ALA E 25 -7.52 -14.59 -5.84
N ARG E 26 -8.54 -15.42 -6.07
CA ARG E 26 -8.90 -15.89 -7.41
C ARG E 26 -9.40 -14.72 -8.25
N PRO E 27 -9.18 -14.78 -9.58
CA PRO E 27 -9.74 -13.78 -10.48
C PRO E 27 -11.25 -13.67 -10.33
N LEU E 28 -11.76 -12.44 -10.46
CA LEU E 28 -13.20 -12.16 -10.31
C LEU E 28 -13.87 -12.23 -11.69
N PRO E 29 -14.88 -13.09 -11.84
CA PRO E 29 -15.59 -13.12 -13.15
C PRO E 29 -16.11 -11.75 -13.48
N GLN E 30 -16.15 -11.41 -14.78
CA GLN E 30 -16.67 -10.13 -15.20
C GLN E 30 -17.96 -10.23 -16.05
N ASP E 31 -18.33 -11.43 -16.46
CA ASP E 31 -19.59 -11.61 -17.21
C ASP E 31 -20.68 -11.94 -16.20
N PHE E 32 -21.88 -11.45 -16.47
CA PHE E 32 -23.05 -11.72 -15.65
C PHE E 32 -23.33 -13.19 -15.32
N GLU E 33 -23.30 -14.06 -16.33
CA GLU E 33 -23.65 -15.47 -16.12
C GLU E 33 -22.74 -16.16 -15.10
N THR E 34 -21.43 -16.02 -15.26
CA THR E 34 -20.48 -16.61 -14.29
C THR E 34 -20.61 -15.95 -12.92
N ALA E 35 -20.76 -14.62 -12.88
CA ALA E 35 -20.81 -13.88 -11.62
C ALA E 35 -22.00 -14.31 -10.80
N LEU E 36 -23.16 -14.42 -11.44
CA LEU E 36 -24.37 -14.88 -10.78
C LEU E 36 -24.24 -16.31 -10.25
N ALA E 37 -23.83 -17.21 -11.13
CA ALA E 37 -23.67 -18.61 -10.77
C ALA E 37 -22.68 -18.72 -9.63
N GLU E 38 -21.62 -17.91 -9.64
CA GLU E 38 -20.66 -18.02 -8.52
C GLU E 38 -21.23 -17.46 -7.22
N LEU E 39 -21.90 -16.30 -7.31
CA LEU E 39 -22.66 -15.73 -6.20
C LEU E 39 -23.72 -16.69 -5.58
N GLU E 40 -24.43 -17.47 -6.40
CA GLU E 40 -25.49 -18.36 -5.91
C GLU E 40 -24.84 -19.46 -5.12
N SER E 41 -23.84 -20.08 -5.73
CA SER E 41 -23.06 -21.13 -5.13
C SER E 41 -22.46 -20.76 -3.76
N LEU E 42 -22.10 -19.50 -3.62
CA LEU E 42 -21.47 -18.98 -2.43
C LEU E 42 -22.48 -18.57 -1.36
N VAL E 43 -23.62 -18.01 -1.76
CA VAL E 43 -24.70 -17.71 -0.81
C VAL E 43 -25.21 -19.04 -0.25
N SER E 44 -25.39 -20.00 -1.14
CA SER E 44 -25.79 -21.33 -0.76
C SER E 44 -24.76 -22.00 0.16
N ALA E 45 -23.47 -21.77 -0.07
CA ALA E 45 -22.44 -22.31 0.83
C ALA E 45 -22.45 -21.67 2.21
N GLU E 47 -25.22 -19.75 4.01
CA GLU E 47 -26.37 -19.95 4.89
C GLU E 47 -26.41 -21.40 5.42
N ASN E 48 -25.77 -22.29 4.66
CA ASN E 48 -25.49 -23.68 5.03
C ASN E 48 -24.58 -23.84 6.28
N GLY E 49 -23.72 -22.85 6.54
CA GLY E 49 -23.21 -22.59 7.90
C GLY E 49 -22.11 -23.42 8.58
N THR E 50 -21.67 -24.51 7.97
CA THR E 50 -20.50 -25.25 8.48
C THR E 50 -19.21 -24.40 8.48
N LEU E 51 -19.26 -23.24 7.81
CA LEU E 51 -18.05 -22.43 7.59
C LEU E 51 -17.59 -21.66 8.82
N PRO E 52 -16.29 -21.75 9.14
CA PRO E 52 -15.62 -20.92 10.14
C PRO E 52 -15.76 -19.45 9.82
N LEU E 53 -15.60 -18.62 10.83
CA LEU E 53 -15.87 -17.20 10.72
C LEU E 53 -15.06 -16.55 9.58
N GLU E 54 -13.76 -16.77 9.55
CA GLU E 54 -12.90 -16.18 8.52
C GLU E 54 -13.25 -16.58 7.09
N GLN E 55 -13.56 -17.86 6.85
CA GLN E 55 -14.11 -18.25 5.54
C GLN E 55 -15.44 -17.60 5.21
N SER E 56 -16.37 -17.54 6.16
CA SER E 56 -17.62 -16.82 5.96
C SER E 56 -17.40 -15.37 5.53
N LEU E 57 -16.46 -14.68 6.18
CA LEU E 57 -16.24 -13.27 5.91
C LEU E 57 -15.64 -13.05 4.55
N SER E 58 -14.61 -13.82 4.25
CA SER E 58 -13.98 -13.83 2.94
C SER E 58 -15.02 -14.08 1.82
N ALA E 59 -15.86 -15.09 2.00
CA ALA E 59 -17.03 -15.33 1.15
C ALA E 59 -17.99 -14.12 1.08
N TYR E 60 -18.21 -13.44 2.20
CA TYR E 60 -19.07 -12.26 2.17
C TYR E 60 -18.46 -11.17 1.26
N ARG E 61 -17.17 -10.92 1.41
CA ARG E 61 -16.47 -9.92 0.62
C ARG E 61 -16.48 -10.25 -0.87
N ARG E 62 -16.31 -11.53 -1.16
CA ARG E 62 -16.27 -12.04 -2.49
C ARG E 62 -17.66 -11.86 -3.09
N GLY E 63 -18.69 -12.16 -2.31
CA GLY E 63 -20.07 -12.06 -2.78
C GLY E 63 -20.49 -10.62 -3.05
N VAL E 64 -20.02 -9.71 -2.22
CA VAL E 64 -20.29 -8.30 -2.45
C VAL E 64 -19.70 -7.88 -3.82
N GLU E 65 -18.53 -8.42 -4.16
CA GLU E 65 -17.84 -8.04 -5.36
C GLU E 65 -18.55 -8.68 -6.55
N LEU E 66 -19.03 -9.91 -6.39
CA LEU E 66 -19.83 -10.57 -7.44
C LEU E 66 -21.18 -9.92 -7.73
N ALA E 67 -21.85 -9.46 -6.67
CA ALA E 67 -23.13 -8.77 -6.80
C ALA E 67 -22.93 -7.43 -7.48
N ARG E 68 -21.81 -6.77 -7.18
CA ARG E 68 -21.45 -5.50 -7.84
C ARG E 68 -21.26 -5.66 -9.36
N VAL E 69 -20.61 -6.75 -9.78
CA VAL E 69 -20.48 -7.10 -11.21
C VAL E 69 -21.85 -7.35 -11.82
N CYS E 70 -22.69 -8.11 -11.13
CA CYS E 70 -24.06 -8.37 -11.62
C CYS E 70 -24.86 -7.10 -11.84
N GLN E 71 -24.95 -6.25 -10.82
CA GLN E 71 -25.56 -4.92 -10.91
C GLN E 71 -25.01 -4.05 -12.05
N ASP E 72 -23.70 -4.05 -12.28
CA ASP E 72 -23.10 -3.24 -13.34
C ASP E 72 -23.43 -3.75 -14.72
N ARG E 73 -23.36 -5.07 -14.95
CA ARG E 73 -23.74 -5.62 -16.24
C ARG E 73 -25.22 -5.36 -16.53
N LEU E 74 -26.05 -5.44 -15.50
CA LEU E 74 -27.47 -5.19 -15.70
C LEU E 74 -27.76 -3.73 -16.01
N ALA E 75 -26.99 -2.80 -15.47
CA ALA E 75 -27.25 -1.38 -15.72
C ALA E 75 -26.90 -1.00 -17.17
N GLN E 76 -25.74 -1.47 -17.62
CA GLN E 76 -25.29 -1.33 -19.02
C GLN E 76 -26.31 -1.88 -19.99
N ALA E 77 -26.76 -3.10 -19.72
CA ALA E 77 -27.75 -3.78 -20.53
C ALA E 77 -29.06 -3.00 -20.58
N GLU E 78 -29.46 -2.44 -19.44
CA GLU E 78 -30.64 -1.57 -19.33
C GLU E 78 -30.47 -0.34 -20.22
N GLN E 79 -29.30 0.28 -20.15
CA GLN E 79 -28.97 1.44 -20.96
C GLN E 79 -29.06 1.14 -22.45
N GLN E 80 -28.45 0.05 -22.91
CA GLN E 80 -28.49 -0.32 -24.34
C GLN E 80 -29.93 -0.49 -24.83
N VAL E 81 -30.75 -1.19 -24.05
CA VAL E 81 -32.15 -1.42 -24.40
C VAL E 81 -32.96 -0.13 -24.53
N LYS E 82 -32.74 0.84 -23.62
CA LYS E 82 -33.48 2.12 -23.64
C LYS E 82 -33.19 2.94 -24.88
N VAL E 83 -31.91 2.90 -25.28
CA VAL E 83 -31.42 3.55 -26.47
C VAL E 83 -32.06 2.91 -27.70
N LEU E 84 -31.99 1.58 -27.77
CA LEU E 84 -32.64 0.83 -28.84
C LEU E 84 -34.17 1.03 -28.90
N GLU E 85 -34.80 1.15 -27.72
CA GLU E 85 -36.23 1.47 -27.65
C GLU E 85 -36.50 2.86 -28.22
N GLY E 86 -35.69 3.83 -27.76
CA GLY E 86 -35.76 5.20 -28.23
C GLY E 86 -35.64 5.25 -29.74
N ASP E 87 -34.60 4.60 -30.26
CA ASP E 87 -34.29 4.60 -31.68
C ASP E 87 -35.32 3.85 -32.53
N LEU E 88 -35.91 2.81 -31.96
CA LEU E 88 -37.04 2.12 -32.60
C LEU E 88 -38.28 3.03 -32.69
N LEU E 89 -38.72 3.56 -31.55
CA LEU E 89 -39.93 4.40 -31.43
C LEU E 89 -39.99 5.66 -32.34
N ARG E 90 -38.86 6.17 -32.80
CA ARG E 90 -38.84 7.17 -33.88
C ARG E 90 -38.01 6.60 -35.04
N PRO E 91 -38.48 6.69 -36.32
CA PRO E 91 -39.63 7.33 -37.02
C PRO E 91 -40.90 7.62 -36.19
N ALA F 25 -44.36 -13.53 -38.32
CA ALA F 25 -44.29 -14.83 -39.04
C ALA F 25 -43.10 -15.67 -38.53
N ARG F 26 -41.98 -15.02 -38.24
CA ARG F 26 -40.78 -15.70 -37.73
C ARG F 26 -40.87 -15.88 -36.20
N PRO F 27 -40.65 -17.11 -35.68
CA PRO F 27 -40.54 -17.36 -34.23
C PRO F 27 -39.77 -16.26 -33.47
N LEU F 28 -40.20 -15.94 -32.25
CA LEU F 28 -39.60 -14.82 -31.49
C LEU F 28 -38.64 -15.31 -30.40
N PRO F 29 -37.39 -14.81 -30.40
CA PRO F 29 -36.41 -15.27 -29.39
C PRO F 29 -36.82 -14.94 -27.97
N GLN F 30 -36.61 -15.88 -27.04
CA GLN F 30 -37.00 -15.69 -25.65
C GLN F 30 -35.82 -15.51 -24.68
N ASP F 31 -34.60 -15.36 -25.21
CA ASP F 31 -33.39 -15.06 -24.42
C ASP F 31 -32.87 -13.64 -24.71
N PHE F 32 -32.38 -12.98 -23.68
CA PHE F 32 -31.91 -11.61 -23.79
C PHE F 32 -30.91 -11.41 -24.95
N GLU F 33 -29.96 -12.34 -25.13
CA GLU F 33 -28.90 -12.20 -26.15
C GLU F 33 -29.42 -12.22 -27.59
N THR F 34 -30.07 -13.31 -27.98
CA THR F 34 -30.59 -13.43 -29.32
C THR F 34 -31.63 -12.33 -29.59
N ALA F 35 -32.42 -11.98 -28.57
CA ALA F 35 -33.38 -10.88 -28.70
C ALA F 35 -32.68 -9.51 -28.84
N LEU F 36 -31.68 -9.26 -28.02
CA LEU F 36 -30.94 -8.00 -28.15
C LEU F 36 -30.29 -7.88 -29.53
N ALA F 37 -29.59 -8.93 -29.94
CA ALA F 37 -28.90 -8.96 -31.24
C ALA F 37 -29.87 -8.77 -32.40
N GLU F 38 -30.99 -9.46 -32.37
CA GLU F 38 -31.98 -9.31 -33.43
C GLU F 38 -32.60 -7.88 -33.45
N LEU F 39 -32.85 -7.32 -32.26
CA LEU F 39 -33.31 -5.95 -32.12
C LEU F 39 -32.30 -4.95 -32.67
N GLU F 40 -31.02 -5.13 -32.31
CA GLU F 40 -29.96 -4.25 -32.77
C GLU F 40 -29.85 -4.21 -34.30
N SER F 41 -30.01 -5.35 -34.97
CA SER F 41 -29.83 -5.38 -36.44
C SER F 41 -31.09 -4.84 -37.11
N LEU F 42 -32.22 -5.16 -36.48
CA LEU F 42 -33.51 -4.60 -36.86
C LEU F 42 -33.52 -3.07 -36.85
N VAL F 43 -33.00 -2.45 -35.79
CA VAL F 43 -32.93 -0.99 -35.69
C VAL F 43 -31.86 -0.42 -36.64
N SER F 44 -30.81 -1.12 -36.96
CA SER F 44 -29.85 -0.63 -37.95
C SER F 44 -30.43 -0.63 -39.39
N ALA F 45 -31.17 -1.70 -39.72
CA ALA F 45 -31.82 -1.85 -41.02
C ALA F 45 -32.99 -0.85 -41.22
N GLU F 47 -32.87 2.25 -39.33
CA GLU F 47 -32.21 3.55 -39.30
C GLU F 47 -31.65 3.80 -40.71
N ASN F 48 -30.97 2.78 -41.24
CA ASN F 48 -30.39 2.83 -42.59
C ASN F 48 -31.32 2.24 -43.65
N LEU F 51 -36.59 0.67 -47.04
CA LEU F 51 -37.55 -0.39 -46.74
C LEU F 51 -38.98 0.15 -46.83
N PRO F 52 -39.88 -0.55 -47.57
CA PRO F 52 -41.28 -0.11 -47.81
C PRO F 52 -42.13 -0.06 -46.53
N LEU F 53 -43.22 0.72 -46.55
CA LEU F 53 -44.07 0.94 -45.35
C LEU F 53 -44.55 -0.34 -44.62
N GLU F 54 -45.19 -1.23 -45.38
CA GLU F 54 -45.66 -2.53 -44.88
C GLU F 54 -44.57 -3.24 -44.08
N GLN F 55 -43.40 -3.44 -44.69
CA GLN F 55 -42.23 -4.07 -44.02
C GLN F 55 -41.75 -3.28 -42.78
N SER F 56 -41.70 -1.95 -42.90
CA SER F 56 -41.32 -1.08 -41.78
C SER F 56 -42.18 -1.31 -40.54
N LEU F 57 -43.50 -1.25 -40.70
CA LEU F 57 -44.40 -1.46 -39.56
C LEU F 57 -44.31 -2.88 -39.01
N SER F 58 -44.29 -3.85 -39.93
CA SER F 58 -43.99 -5.22 -39.61
C SER F 58 -42.73 -5.29 -38.70
N ALA F 59 -41.63 -4.68 -39.16
CA ALA F 59 -40.40 -4.65 -38.38
C ALA F 59 -40.53 -3.88 -37.07
N TYR F 60 -41.30 -2.80 -37.07
CA TYR F 60 -41.59 -2.07 -35.83
C TYR F 60 -42.25 -2.98 -34.76
N ARG F 61 -43.43 -3.50 -35.08
CA ARG F 61 -44.15 -4.43 -34.20
C ARG F 61 -43.21 -5.52 -33.66
N ARG F 62 -42.35 -6.01 -34.56
CA ARG F 62 -41.33 -7.01 -34.26
C ARG F 62 -40.28 -6.48 -33.27
N GLY F 63 -39.82 -5.24 -33.49
CA GLY F 63 -38.92 -4.58 -32.53
C GLY F 63 -39.54 -4.36 -31.16
N VAL F 64 -40.82 -4.00 -31.14
CA VAL F 64 -41.53 -3.81 -29.88
C VAL F 64 -41.51 -5.08 -29.05
N GLU F 65 -41.76 -6.21 -29.73
CA GLU F 65 -41.72 -7.54 -29.12
C GLU F 65 -40.34 -7.98 -28.60
N LEU F 66 -39.29 -7.65 -29.34
CA LEU F 66 -37.93 -7.99 -28.95
C LEU F 66 -37.54 -7.16 -27.72
N ALA F 67 -37.89 -5.87 -27.73
CA ALA F 67 -37.59 -4.99 -26.59
C ALA F 67 -38.32 -5.47 -25.35
N ARG F 68 -39.46 -6.13 -25.53
CA ARG F 68 -40.27 -6.52 -24.39
C ARG F 68 -39.65 -7.76 -23.78
N VAL F 69 -39.05 -8.60 -24.61
CA VAL F 69 -38.32 -9.76 -24.14
C VAL F 69 -37.10 -9.32 -23.33
N CYS F 70 -36.33 -8.38 -23.89
CA CYS F 70 -35.17 -7.84 -23.20
C CYS F 70 -35.51 -7.22 -21.85
N GLN F 71 -36.56 -6.41 -21.77
CA GLN F 71 -36.94 -5.79 -20.51
C GLN F 71 -37.41 -6.78 -19.46
N ASP F 72 -38.15 -7.80 -19.91
CA ASP F 72 -38.62 -8.87 -19.06
C ASP F 72 -37.44 -9.65 -18.53
N ARG F 73 -36.50 -9.99 -19.39
CA ARG F 73 -35.33 -10.76 -18.95
C ARG F 73 -34.51 -9.98 -17.93
N LEU F 74 -34.40 -8.67 -18.10
CA LEU F 74 -33.62 -7.82 -17.20
C LEU F 74 -34.30 -7.65 -15.84
N ALA F 75 -35.62 -7.47 -15.85
CA ALA F 75 -36.43 -7.42 -14.64
C ALA F 75 -36.29 -8.68 -13.80
N GLN F 76 -36.35 -9.84 -14.47
CA GLN F 76 -36.13 -11.17 -13.87
C GLN F 76 -34.73 -11.31 -13.26
N ALA F 77 -33.72 -10.95 -14.04
CA ALA F 77 -32.33 -11.04 -13.59
C ALA F 77 -32.04 -10.09 -12.43
N GLU F 78 -32.52 -8.85 -12.53
CA GLU F 78 -32.42 -7.87 -11.44
C GLU F 78 -32.99 -8.43 -10.15
N GLN F 79 -34.14 -9.08 -10.28
CA GLN F 79 -34.82 -9.71 -9.19
C GLN F 79 -33.94 -10.79 -8.55
N GLN F 80 -33.34 -11.67 -9.36
CA GLN F 80 -32.53 -12.76 -8.80
C GLN F 80 -31.38 -12.21 -7.97
N VAL F 81 -30.81 -11.12 -8.47
CA VAL F 81 -29.66 -10.45 -7.87
C VAL F 81 -30.02 -9.77 -6.55
N LYS F 82 -31.20 -9.15 -6.52
CA LYS F 82 -31.72 -8.49 -5.34
C LYS F 82 -31.90 -9.52 -4.22
N VAL F 83 -32.53 -10.65 -4.54
CA VAL F 83 -32.72 -11.78 -3.62
C VAL F 83 -31.36 -12.30 -3.08
N LEU F 84 -30.40 -12.51 -3.99
CA LEU F 84 -29.10 -13.02 -3.58
C LEU F 84 -28.32 -12.05 -2.73
N GLU F 85 -28.41 -10.75 -3.03
CA GLU F 85 -27.81 -9.72 -2.16
C GLU F 85 -28.45 -9.77 -0.78
N GLY F 86 -29.79 -9.88 -0.73
CA GLY F 86 -30.50 -10.09 0.53
C GLY F 86 -29.91 -11.22 1.34
N ASP F 87 -29.85 -12.41 0.72
CA ASP F 87 -29.34 -13.64 1.36
C ASP F 87 -27.89 -13.58 1.72
N LEU F 88 -27.08 -12.89 0.92
CA LEU F 88 -25.69 -12.61 1.28
C LEU F 88 -25.54 -11.68 2.50
N LEU F 89 -26.28 -10.58 2.49
CA LEU F 89 -26.11 -9.51 3.49
C LEU F 89 -26.61 -9.90 4.89
N ARG F 90 -27.63 -10.77 4.97
CA ARG F 90 -27.97 -11.47 6.21
C ARG F 90 -27.27 -12.83 6.17
N PRO F 91 -26.60 -13.27 7.26
CA PRO F 91 -26.24 -12.84 8.63
C PRO F 91 -25.77 -11.36 8.83
#